data_4YTE
#
_entry.id   4YTE
#
_cell.length_a   53.780
_cell.length_b   53.780
_cell.length_c   127.270
_cell.angle_alpha   90.000
_cell.angle_beta   90.000
_cell.angle_gamma   120.000
#
_symmetry.space_group_name_H-M   'P 32 2 1'
#
loop_
_entity.id
_entity.type
_entity.pdbx_description
1 polymer 'H(2)-forming methylenetetrahydromethanopterin dehydrogenase-related protein MJ0715'
2 water water
#
_entity_poly.entity_id   1
_entity_poly.type   'polypeptide(L)'
_entity_poly.pdbx_seq_one_letter_code
;MKISIYGAGNQRLYLEQLKVPEKFGGEPPYGGAGMAIEFAKAGHDVVLSEPNRDVMSDDLWKKVEDAGVKVVSDDIEAAK
HGEIHVLFTPFGRITLNIANTIIEHVPENAIICNTCTIPTPVLYRSLEGILRLKRRDVGISSMHPTGVPGTPSQKYYTIA
GKALEGKEYATEDQINKLVELVKSVGKIPYVTPA
;
_entity_poly.pdbx_strand_id   A
#
# COMPACT_ATOMS: atom_id res chain seq x y z
N MET A 1 10.19 4.57 -8.26
CA MET A 1 9.28 3.60 -8.83
C MET A 1 7.87 4.17 -9.01
N LYS A 2 7.05 3.46 -9.77
CA LYS A 2 5.65 3.82 -9.91
C LYS A 2 4.81 3.08 -8.89
N ILE A 3 4.26 3.82 -7.94
CA ILE A 3 3.49 3.23 -6.84
C ILE A 3 2.05 3.68 -6.86
N SER A 4 1.13 2.74 -6.67
CA SER A 4 -0.29 3.06 -6.55
C SER A 4 -0.80 2.67 -5.17
N ILE A 5 -1.37 3.63 -4.45
CA ILE A 5 -1.94 3.38 -3.14
C ILE A 5 -3.46 3.49 -3.20
N TYR A 6 -4.15 2.54 -2.59
CA TYR A 6 -5.60 2.49 -2.65
C TYR A 6 -6.19 2.74 -1.27
N GLY A 7 -6.71 3.95 -1.06
CA GLY A 7 -7.24 4.35 0.22
C GLY A 7 -6.33 5.37 0.88
N ALA A 8 -6.83 6.60 1.02
CA ALA A 8 -6.08 7.67 1.66
C ALA A 8 -6.16 7.53 3.18
N GLY A 9 -7.24 6.95 3.65
CA GLY A 9 -7.47 6.81 5.08
C GLY A 9 -8.34 7.92 5.61
N ASN A 10 -9.35 7.57 6.41
CA ASN A 10 -10.23 8.55 7.00
C ASN A 10 -9.49 9.35 8.06
N GLN A 11 -9.04 10.54 7.68
CA GLN A 11 -8.19 11.36 8.54
C GLN A 11 -8.91 11.88 9.77
N ARG A 12 -10.24 11.97 9.71
CA ARG A 12 -11.00 12.41 10.88
C ARG A 12 -10.89 11.38 12.00
N LEU A 13 -10.88 10.11 11.64
CA LEU A 13 -10.72 9.02 12.60
C LEU A 13 -9.40 9.17 13.35
N TYR A 14 -8.33 9.43 12.60
CA TYR A 14 -7.01 9.61 13.19
C TYR A 14 -6.94 10.82 14.11
N LEU A 15 -7.68 11.88 13.75
CA LEU A 15 -7.60 13.14 14.47
C LEU A 15 -8.63 13.23 15.61
N GLU A 16 -9.86 12.83 15.34
CA GLU A 16 -10.93 12.96 16.33
C GLU A 16 -10.92 11.84 17.36
N GLN A 17 -11.03 10.60 16.89
CA GLN A 17 -11.14 9.46 17.79
C GLN A 17 -9.79 9.01 18.36
N LEU A 18 -8.79 8.91 17.48
CA LEU A 18 -7.54 8.27 17.85
C LEU A 18 -6.50 9.22 18.44
N LYS A 19 -6.69 10.53 18.22
CA LYS A 19 -5.81 11.56 18.76
C LYS A 19 -4.34 11.29 18.43
N VAL A 20 -4.07 10.89 17.20
CA VAL A 20 -2.73 10.51 16.77
C VAL A 20 -1.65 11.60 16.97
N PRO A 21 -1.95 12.87 16.60
CA PRO A 21 -0.91 13.88 16.81
C PRO A 21 -0.53 14.08 18.28
N GLU A 22 -1.44 13.78 19.19
CA GLU A 22 -1.17 13.94 20.62
C GLU A 22 -0.54 12.69 21.21
N LYS A 23 -0.92 11.53 20.70
CA LYS A 23 -0.47 10.26 21.27
C LYS A 23 0.83 9.75 20.64
N PHE A 24 1.01 10.01 19.36
CA PHE A 24 2.19 9.51 18.65
C PHE A 24 2.95 10.62 17.94
N GLY A 25 2.35 11.81 17.88
CA GLY A 25 2.99 12.93 17.23
C GLY A 25 2.86 12.89 15.72
N GLY A 26 3.84 13.45 15.03
CA GLY A 26 3.80 13.52 13.58
C GLY A 26 2.85 14.58 13.09
N GLU A 27 2.39 14.44 11.86
CA GLU A 27 1.52 15.44 11.25
C GLU A 27 0.64 14.80 10.17
N PRO A 28 -0.67 15.09 10.20
CA PRO A 28 -1.60 14.58 9.19
C PRO A 28 -1.23 15.04 7.78
N PRO A 29 -1.62 14.28 6.75
CA PRO A 29 -2.44 13.06 6.83
C PRO A 29 -1.64 11.82 7.22
N TYR A 30 -2.31 10.89 7.90
CA TYR A 30 -1.70 9.62 8.28
C TYR A 30 -2.20 8.50 7.38
N GLY A 31 -1.67 7.30 7.59
CA GLY A 31 -2.09 6.14 6.84
C GLY A 31 -1.70 6.16 5.38
N GLY A 32 -2.62 5.75 4.51
CA GLY A 32 -2.37 5.66 3.08
C GLY A 32 -1.91 6.95 2.44
N ALA A 33 -2.53 8.06 2.83
CA ALA A 33 -2.14 9.37 2.32
C ALA A 33 -0.76 9.75 2.86
N GLY A 34 -0.48 9.33 4.08
CA GLY A 34 0.81 9.57 4.69
C GLY A 34 1.90 8.77 4.00
N MET A 35 1.57 7.54 3.64
CA MET A 35 2.49 6.69 2.89
C MET A 35 2.78 7.30 1.52
N ALA A 36 1.72 7.80 0.87
CA ALA A 36 1.84 8.41 -0.44
C ALA A 36 2.78 9.60 -0.41
N ILE A 37 2.66 10.42 0.62
CA ILE A 37 3.52 11.59 0.79
C ILE A 37 4.97 11.18 1.00
N GLU A 38 5.20 10.24 1.92
CA GLU A 38 6.54 9.78 2.23
C GLU A 38 7.21 9.11 1.04
N PHE A 39 6.44 8.35 0.27
CA PHE A 39 6.95 7.72 -0.94
C PHE A 39 7.35 8.77 -1.98
N ALA A 40 6.48 9.77 -2.16
CA ALA A 40 6.70 10.81 -3.15
C ALA A 40 7.92 11.67 -2.80
N LYS A 41 8.06 12.01 -1.53
CA LYS A 41 9.20 12.82 -1.08
C LYS A 41 10.50 12.03 -1.19
N ALA A 42 10.39 10.71 -1.34
CA ALA A 42 11.55 9.87 -1.52
C ALA A 42 11.88 9.69 -3.00
N GLY A 43 11.16 10.41 -3.85
CA GLY A 43 11.44 10.42 -5.27
C GLY A 43 10.63 9.46 -6.12
N HIS A 44 9.67 8.77 -5.50
CA HIS A 44 8.85 7.80 -6.22
C HIS A 44 7.69 8.47 -6.95
N ASP A 45 7.23 7.85 -8.03
CA ASP A 45 6.10 8.35 -8.80
C ASP A 45 4.81 7.75 -8.23
N VAL A 46 4.07 8.54 -7.46
CA VAL A 46 2.97 8.02 -6.65
C VAL A 46 1.59 8.46 -7.12
N VAL A 47 0.71 7.48 -7.30
CA VAL A 47 -0.71 7.75 -7.56
C VAL A 47 -1.56 7.22 -6.41
N LEU A 48 -2.36 8.10 -5.82
CA LEU A 48 -3.24 7.72 -4.73
C LEU A 48 -4.70 7.66 -5.17
N SER A 49 -5.31 6.48 -5.04
CA SER A 49 -6.70 6.31 -5.42
C SER A 49 -7.61 6.44 -4.21
N GLU A 50 -8.51 7.43 -4.24
CA GLU A 50 -9.46 7.66 -3.17
C GLU A 50 -10.81 8.10 -3.72
N PRO A 51 -11.85 7.29 -3.53
CA PRO A 51 -13.19 7.60 -4.03
C PRO A 51 -13.91 8.68 -3.23
N ASN A 52 -13.62 8.78 -1.94
CA ASN A 52 -14.28 9.75 -1.08
C ASN A 52 -13.41 10.96 -0.78
N ARG A 53 -13.77 12.09 -1.37
CA ARG A 53 -13.05 13.35 -1.17
C ARG A 53 -13.08 13.79 0.29
N ASP A 54 -14.17 13.46 0.98
CA ASP A 54 -14.39 13.95 2.35
C ASP A 54 -13.51 13.28 3.41
N VAL A 55 -12.59 12.43 3.00
CA VAL A 55 -11.72 11.73 3.95
C VAL A 55 -10.76 12.69 4.64
N MET A 56 -10.55 13.86 4.03
CA MET A 56 -9.70 14.89 4.62
C MET A 56 -10.03 16.27 4.06
N SER A 57 -9.64 17.31 4.79
CA SER A 57 -9.91 18.68 4.40
C SER A 57 -9.10 19.10 3.17
N ASP A 58 -9.44 20.25 2.60
CA ASP A 58 -8.74 20.76 1.43
C ASP A 58 -7.27 21.07 1.75
N ASP A 59 -7.02 21.51 2.97
CA ASP A 59 -5.67 21.82 3.42
C ASP A 59 -4.81 20.56 3.44
N LEU A 60 -5.40 19.45 3.85
CA LEU A 60 -4.69 18.17 3.89
C LEU A 60 -4.51 17.60 2.49
N TRP A 61 -5.47 17.85 1.61
CA TRP A 61 -5.36 17.42 0.22
C TRP A 61 -4.24 18.15 -0.49
N LYS A 62 -4.17 19.47 -0.29
CA LYS A 62 -3.11 20.28 -0.86
C LYS A 62 -1.75 19.77 -0.41
N LYS A 63 -1.67 19.38 0.86
CA LYS A 63 -0.46 18.81 1.44
C LYS A 63 -0.03 17.56 0.68
N VAL A 64 -1.00 16.72 0.32
CA VAL A 64 -0.74 15.52 -0.46
C VAL A 64 -0.25 15.88 -1.86
N GLU A 65 -0.93 16.83 -2.49
CA GLU A 65 -0.60 17.23 -3.86
C GLU A 65 0.74 17.98 -3.92
N ASP A 66 1.07 18.70 -2.85
CA ASP A 66 2.33 19.43 -2.78
C ASP A 66 3.52 18.47 -2.75
N ALA A 67 3.28 17.25 -2.29
CA ALA A 67 4.33 16.25 -2.21
C ALA A 67 4.63 15.66 -3.59
N GLY A 68 3.74 15.92 -4.54
CA GLY A 68 3.91 15.42 -5.90
C GLY A 68 3.00 14.24 -6.18
N VAL A 69 2.15 13.92 -5.22
CA VAL A 69 1.24 12.78 -5.34
C VAL A 69 0.07 13.10 -6.26
N LYS A 70 -0.11 12.29 -7.30
CA LYS A 70 -1.26 12.41 -8.18
C LYS A 70 -2.47 11.69 -7.60
N VAL A 71 -3.53 12.44 -7.32
CA VAL A 71 -4.72 11.87 -6.71
C VAL A 71 -5.79 11.56 -7.74
N VAL A 72 -6.26 10.31 -7.74
CA VAL A 72 -7.36 9.90 -8.61
C VAL A 72 -8.48 9.31 -7.77
N SER A 73 -9.63 9.07 -8.39
CA SER A 73 -10.76 8.47 -7.69
C SER A 73 -11.17 7.16 -8.36
N ASP A 74 -10.47 6.81 -9.43
CA ASP A 74 -10.75 5.58 -10.16
C ASP A 74 -9.64 4.56 -9.96
N ASP A 75 -9.99 3.44 -9.32
CA ASP A 75 -9.03 2.40 -9.00
C ASP A 75 -8.39 1.78 -10.24
N ILE A 76 -9.17 1.71 -11.32
CA ILE A 76 -8.70 1.09 -12.55
C ILE A 76 -7.63 1.95 -13.23
N GLU A 77 -7.79 3.27 -13.13
CA GLU A 77 -6.77 4.20 -13.65
C GLU A 77 -5.51 4.07 -12.82
N ALA A 78 -5.68 3.88 -11.52
CA ALA A 78 -4.57 3.67 -10.61
C ALA A 78 -3.90 2.32 -10.91
N ALA A 79 -4.72 1.35 -11.29
CA ALA A 79 -4.25 0.00 -11.57
C ALA A 79 -3.25 -0.04 -12.72
N LYS A 80 -3.43 0.86 -13.68
CA LYS A 80 -2.58 0.88 -14.87
C LYS A 80 -1.28 1.66 -14.64
N HIS A 81 -1.17 2.31 -13.50
CA HIS A 81 -0.01 3.14 -13.21
C HIS A 81 1.12 2.38 -12.51
N GLY A 82 0.83 1.88 -11.32
CA GLY A 82 1.86 1.35 -10.44
C GLY A 82 2.44 -0.01 -10.81
N GLU A 83 3.73 -0.15 -10.56
CA GLU A 83 4.39 -1.45 -10.61
C GLU A 83 4.26 -2.08 -9.24
N ILE A 84 3.84 -1.26 -8.27
CA ILE A 84 3.53 -1.72 -6.92
C ILE A 84 2.16 -1.17 -6.50
N HIS A 85 1.28 -2.05 -6.06
CA HIS A 85 -0.07 -1.64 -5.71
C HIS A 85 -0.37 -1.90 -4.25
N VAL A 86 -0.38 -0.82 -3.47
CA VAL A 86 -0.53 -0.89 -2.03
C VAL A 86 -1.99 -0.72 -1.61
N LEU A 87 -2.59 -1.81 -1.15
CA LEU A 87 -3.96 -1.77 -0.66
C LEU A 87 -4.00 -1.31 0.80
N PHE A 88 -4.18 -0.01 1.02
CA PHE A 88 -4.28 0.49 2.38
C PHE A 88 -5.66 0.19 2.95
N THR A 89 -5.79 -0.96 3.59
CA THR A 89 -7.05 -1.36 4.21
C THR A 89 -6.80 -1.93 5.60
N PRO A 90 -6.50 -1.04 6.57
CA PRO A 90 -6.16 -1.45 7.93
C PRO A 90 -7.24 -2.27 8.62
N PHE A 91 -8.50 -2.08 8.20
CA PHE A 91 -9.60 -2.85 8.75
C PHE A 91 -9.90 -4.09 7.90
N GLY A 92 -9.29 -4.15 6.72
CA GLY A 92 -9.42 -5.29 5.83
C GLY A 92 -10.85 -5.55 5.38
N ARG A 93 -11.63 -4.49 5.21
CA ARG A 93 -13.01 -4.63 4.79
C ARG A 93 -13.12 -4.87 3.28
N ILE A 94 -12.36 -4.11 2.50
CA ILE A 94 -12.41 -4.22 1.04
C ILE A 94 -11.14 -4.72 0.38
N THR A 95 -10.23 -5.31 1.16
CA THR A 95 -8.93 -5.73 0.64
C THR A 95 -9.06 -6.64 -0.57
N LEU A 96 -9.83 -7.71 -0.43
CA LEU A 96 -10.01 -8.68 -1.51
C LEU A 96 -10.77 -8.06 -2.69
N ASN A 97 -11.65 -7.13 -2.38
CA ASN A 97 -12.46 -6.46 -3.42
C ASN A 97 -11.60 -5.62 -4.35
N ILE A 98 -10.73 -4.79 -3.78
CA ILE A 98 -9.85 -3.94 -4.57
C ILE A 98 -8.93 -4.78 -5.45
N ALA A 99 -8.34 -5.82 -4.86
CA ALA A 99 -7.44 -6.71 -5.57
C ALA A 99 -8.12 -7.34 -6.78
N ASN A 100 -9.37 -7.75 -6.59
CA ASN A 100 -10.15 -8.36 -7.66
C ASN A 100 -10.46 -7.35 -8.77
N THR A 101 -10.62 -6.09 -8.38
CA THR A 101 -10.93 -5.02 -9.31
C THR A 101 -9.74 -4.67 -10.20
N ILE A 102 -8.55 -4.67 -9.61
CA ILE A 102 -7.36 -4.16 -10.30
C ILE A 102 -6.49 -5.23 -10.96
N ILE A 103 -6.70 -6.50 -10.61
CA ILE A 103 -5.79 -7.58 -10.99
C ILE A 103 -5.59 -7.71 -12.52
N GLU A 104 -6.66 -7.58 -13.28
CA GLU A 104 -6.57 -7.75 -14.73
C GLU A 104 -6.09 -6.50 -15.45
N HIS A 105 -5.85 -5.43 -14.69
CA HIS A 105 -5.48 -4.15 -15.30
C HIS A 105 -4.06 -3.71 -14.96
N VAL A 106 -3.48 -4.29 -13.91
CA VAL A 106 -2.12 -3.93 -13.50
C VAL A 106 -1.11 -4.33 -14.58
N PRO A 107 -0.06 -3.52 -14.77
CA PRO A 107 0.93 -3.79 -15.80
C PRO A 107 1.71 -5.08 -15.54
N GLU A 108 2.50 -5.51 -16.53
CA GLU A 108 3.24 -6.75 -16.43
C GLU A 108 4.19 -6.75 -15.23
N ASN A 109 4.23 -7.87 -14.51
CA ASN A 109 5.13 -8.07 -13.37
C ASN A 109 4.89 -7.11 -12.20
N ALA A 110 3.67 -6.59 -12.10
CA ALA A 110 3.33 -5.69 -10.99
C ALA A 110 3.13 -6.46 -9.69
N ILE A 111 3.23 -5.76 -8.56
CA ILE A 111 3.02 -6.38 -7.26
C ILE A 111 1.77 -5.83 -6.58
N ILE A 112 0.94 -6.74 -6.05
CA ILE A 112 -0.20 -6.34 -5.23
C ILE A 112 0.08 -6.72 -3.78
N CYS A 113 -0.03 -5.75 -2.88
CA CYS A 113 0.26 -6.00 -1.47
C CYS A 113 -0.66 -5.24 -0.54
N ASN A 114 -1.08 -5.89 0.55
CA ASN A 114 -1.94 -5.28 1.54
C ASN A 114 -1.16 -4.76 2.75
N THR A 115 -1.72 -3.77 3.43
CA THR A 115 -1.05 -3.18 4.59
C THR A 115 -1.53 -3.81 5.89
N CYS A 116 -2.71 -4.43 5.86
CA CYS A 116 -3.23 -5.12 7.03
C CYS A 116 -2.56 -6.48 7.18
N THR A 117 -3.15 -7.35 8.00
CA THR A 117 -2.54 -8.64 8.29
C THR A 117 -3.32 -9.82 7.73
N ILE A 118 -4.11 -9.58 6.69
CA ILE A 118 -4.68 -10.69 5.93
C ILE A 118 -3.53 -11.44 5.29
N PRO A 119 -3.41 -12.74 5.60
CA PRO A 119 -2.29 -13.55 5.08
C PRO A 119 -2.20 -13.51 3.56
N THR A 120 -0.97 -13.41 3.05
CA THR A 120 -0.74 -13.42 1.61
C THR A 120 -1.34 -14.66 0.92
N PRO A 121 -1.21 -15.86 1.52
CA PRO A 121 -1.89 -17.01 0.88
C PRO A 121 -3.40 -16.82 0.77
N VAL A 122 -4.02 -16.17 1.75
CA VAL A 122 -5.45 -15.89 1.69
C VAL A 122 -5.76 -14.94 0.53
N LEU A 123 -4.97 -13.88 0.42
CA LEU A 123 -5.10 -12.92 -0.66
C LEU A 123 -4.86 -13.58 -2.01
N TYR A 124 -3.92 -14.53 -2.03
CA TYR A 124 -3.59 -15.27 -3.25
C TYR A 124 -4.73 -16.20 -3.65
N ARG A 125 -5.26 -16.95 -2.69
CA ARG A 125 -6.31 -17.92 -2.96
C ARG A 125 -7.60 -17.27 -3.46
N SER A 126 -7.83 -16.02 -3.06
CA SER A 126 -8.99 -15.28 -3.52
C SER A 126 -8.87 -14.93 -5.00
N LEU A 127 -7.64 -14.99 -5.51
CA LEU A 127 -7.36 -14.65 -6.91
C LEU A 127 -6.62 -15.77 -7.62
N GLU A 128 -6.69 -16.98 -7.06
CA GLU A 128 -5.88 -18.10 -7.55
C GLU A 128 -6.13 -18.43 -9.02
N GLY A 129 -7.39 -18.41 -9.43
CA GLY A 129 -7.75 -18.71 -10.80
C GLY A 129 -7.08 -17.80 -11.81
N ILE A 130 -7.11 -16.49 -11.53
CA ILE A 130 -6.52 -15.50 -12.41
C ILE A 130 -5.00 -15.53 -12.36
N LEU A 131 -4.46 -15.70 -11.16
CA LEU A 131 -3.02 -15.65 -10.94
C LEU A 131 -2.28 -16.86 -11.51
N ARG A 132 -2.98 -17.99 -11.62
CA ARG A 132 -2.37 -19.20 -12.15
C ARG A 132 -2.55 -19.30 -13.66
N LEU A 133 -3.67 -18.81 -14.17
CA LEU A 133 -4.02 -19.05 -15.56
C LEU A 133 -3.80 -17.84 -16.47
N LYS A 134 -4.01 -16.63 -15.96
CA LYS A 134 -3.96 -15.45 -16.82
C LYS A 134 -2.90 -14.42 -16.41
N ARG A 135 -2.66 -14.28 -15.12
CA ARG A 135 -1.67 -13.31 -14.63
C ARG A 135 -0.63 -13.98 -13.75
N ARG A 136 0.23 -14.80 -14.36
CA ARG A 136 1.28 -15.50 -13.63
C ARG A 136 2.44 -14.57 -13.32
N ASP A 137 2.42 -13.37 -13.91
CA ASP A 137 3.49 -12.41 -13.74
C ASP A 137 3.31 -11.57 -12.47
N VAL A 138 2.08 -11.51 -11.98
CA VAL A 138 1.75 -10.68 -10.83
C VAL A 138 2.20 -11.33 -9.52
N GLY A 139 2.88 -10.56 -8.69
CA GLY A 139 3.31 -11.03 -7.38
C GLY A 139 2.39 -10.56 -6.28
N ILE A 140 2.16 -11.43 -5.29
CA ILE A 140 1.35 -11.09 -4.14
C ILE A 140 2.20 -11.05 -2.88
N SER A 141 2.09 -9.97 -2.11
CA SER A 141 2.89 -9.81 -0.90
C SER A 141 2.19 -8.90 0.10
N SER A 142 2.98 -8.27 0.97
CA SER A 142 2.43 -7.37 1.98
C SER A 142 3.33 -6.16 2.22
N MET A 143 2.72 -5.07 2.66
CA MET A 143 3.45 -3.87 3.05
C MET A 143 2.87 -3.38 4.38
N HIS A 144 3.05 -4.19 5.43
CA HIS A 144 2.38 -3.96 6.71
C HIS A 144 3.21 -3.11 7.66
N PRO A 145 2.73 -1.88 7.95
CA PRO A 145 3.39 -1.02 8.94
C PRO A 145 3.11 -1.50 10.36
N THR A 146 4.14 -1.53 11.20
CA THR A 146 3.98 -1.94 12.59
C THR A 146 3.24 -0.86 13.37
N GLY A 147 3.50 0.39 13.02
CA GLY A 147 2.81 1.51 13.63
C GLY A 147 1.95 2.26 12.63
N VAL A 148 1.55 3.48 12.98
CA VAL A 148 0.75 4.30 12.08
C VAL A 148 1.65 5.13 11.18
N PRO A 149 1.52 4.92 9.85
CA PRO A 149 2.26 5.71 8.85
C PRO A 149 2.03 7.21 9.05
N GLY A 150 3.13 7.97 9.14
CA GLY A 150 3.03 9.39 9.39
C GLY A 150 3.52 9.73 10.79
N THR A 151 3.54 8.74 11.66
CA THR A 151 4.06 8.89 13.01
C THR A 151 5.55 8.59 13.05
N PRO A 152 6.31 9.38 13.83
CA PRO A 152 7.77 9.23 13.91
C PRO A 152 8.21 7.86 14.40
N SER A 153 7.38 7.19 15.20
CA SER A 153 7.74 5.90 15.77
C SER A 153 7.49 4.76 14.79
N GLN A 154 6.80 5.05 13.69
CA GLN A 154 6.62 4.06 12.63
C GLN A 154 7.95 3.84 11.92
N LYS A 155 8.54 2.67 12.12
CA LYS A 155 9.87 2.39 11.61
C LYS A 155 9.91 1.10 10.79
N TYR A 156 8.97 0.20 11.06
CA TYR A 156 9.02 -1.14 10.48
C TYR A 156 7.91 -1.42 9.48
N TYR A 157 8.28 -2.13 8.41
CA TYR A 157 7.31 -2.68 7.47
C TYR A 157 7.54 -4.18 7.30
N THR A 158 6.48 -4.96 7.47
CA THR A 158 6.58 -6.40 7.30
C THR A 158 6.22 -6.80 5.88
N ILE A 159 7.09 -7.56 5.24
CA ILE A 159 6.89 -7.99 3.86
C ILE A 159 6.79 -9.50 3.75
N ALA A 160 5.65 -9.99 3.26
CA ALA A 160 5.44 -11.42 3.10
C ALA A 160 6.30 -11.98 1.99
N GLY A 161 7.23 -12.86 2.35
CA GLY A 161 8.12 -13.48 1.38
C GLY A 161 7.75 -14.92 1.11
N LYS A 162 8.73 -15.69 0.64
CA LYS A 162 8.52 -17.10 0.30
C LYS A 162 8.06 -17.91 1.51
N ALA A 163 7.02 -18.71 1.31
CA ALA A 163 6.46 -19.55 2.37
C ALA A 163 7.49 -20.56 2.86
N LEU A 164 7.34 -20.99 4.11
CA LEU A 164 8.24 -21.96 4.72
C LEU A 164 8.24 -23.27 3.95
N GLU A 165 7.09 -23.63 3.40
CA GLU A 165 6.95 -24.91 2.71
C GLU A 165 7.11 -24.78 1.20
N GLY A 166 7.75 -23.70 0.76
CA GLY A 166 8.20 -23.60 -0.62
C GLY A 166 7.49 -22.64 -1.55
N LYS A 167 6.21 -22.35 -1.29
CA LYS A 167 5.41 -21.54 -2.20
C LYS A 167 5.91 -20.10 -2.30
N GLU A 168 6.21 -19.68 -3.52
CA GLU A 168 6.59 -18.30 -3.80
C GLU A 168 5.41 -17.54 -4.40
N TYR A 169 4.88 -16.59 -3.63
CA TYR A 169 3.75 -15.79 -4.09
C TYR A 169 4.22 -14.57 -4.85
N ALA A 170 5.54 -14.37 -4.85
CA ALA A 170 6.16 -13.31 -5.63
C ALA A 170 7.60 -13.70 -5.93
N THR A 171 8.14 -13.17 -7.02
CA THR A 171 9.54 -13.43 -7.37
C THR A 171 10.47 -12.73 -6.37
N GLU A 172 11.72 -13.16 -6.33
CA GLU A 172 12.71 -12.59 -5.43
C GLU A 172 12.97 -11.13 -5.81
N ASP A 173 12.94 -10.86 -7.10
CA ASP A 173 13.05 -9.49 -7.61
C ASP A 173 11.94 -8.60 -7.08
N GLN A 174 10.72 -9.12 -7.15
CA GLN A 174 9.54 -8.40 -6.67
C GLN A 174 9.64 -8.14 -5.17
N ILE A 175 10.11 -9.14 -4.42
CA ILE A 175 10.28 -8.98 -2.99
C ILE A 175 11.40 -7.99 -2.69
N ASN A 176 12.52 -8.13 -3.40
CA ASN A 176 13.64 -7.19 -3.26
C ASN A 176 13.22 -5.76 -3.54
N LYS A 177 12.32 -5.59 -4.49
CA LYS A 177 11.81 -4.28 -4.87
C LYS A 177 11.05 -3.64 -3.71
N LEU A 178 10.28 -4.46 -3.01
CA LEU A 178 9.53 -4.00 -1.84
C LEU A 178 10.48 -3.64 -0.69
N VAL A 179 11.53 -4.44 -0.54
CA VAL A 179 12.53 -4.23 0.50
C VAL A 179 13.22 -2.88 0.33
N GLU A 180 13.59 -2.55 -0.91
CA GLU A 180 14.27 -1.30 -1.20
C GLU A 180 13.33 -0.11 -1.16
N LEU A 181 12.05 -0.35 -1.41
CA LEU A 181 11.05 0.71 -1.29
C LEU A 181 10.95 1.16 0.16
N VAL A 182 10.99 0.20 1.07
CA VAL A 182 10.92 0.46 2.50
C VAL A 182 12.13 1.24 2.98
N LYS A 183 13.31 0.87 2.49
CA LYS A 183 14.55 1.52 2.89
C LYS A 183 14.71 2.89 2.26
N SER A 184 14.03 3.12 1.13
CA SER A 184 14.12 4.39 0.43
C SER A 184 13.47 5.50 1.23
N VAL A 185 12.56 5.15 2.14
CA VAL A 185 11.91 6.12 3.00
C VAL A 185 12.43 6.02 4.43
N GLY A 186 13.65 5.50 4.57
CA GLY A 186 14.31 5.43 5.87
C GLY A 186 13.69 4.46 6.85
N LYS A 187 12.91 3.51 6.35
CA LYS A 187 12.26 2.53 7.19
C LYS A 187 13.00 1.20 7.19
N ILE A 188 12.68 0.34 8.15
CA ILE A 188 13.31 -0.98 8.26
C ILE A 188 12.40 -2.08 7.73
N PRO A 189 12.82 -2.74 6.64
CA PRO A 189 12.05 -3.85 6.07
C PRO A 189 12.28 -5.14 6.85
N TYR A 190 11.29 -6.02 6.84
CA TYR A 190 11.42 -7.31 7.50
C TYR A 190 10.62 -8.37 6.77
N VAL A 191 11.32 -9.28 6.10
CA VAL A 191 10.69 -10.30 5.28
C VAL A 191 10.31 -11.54 6.10
N THR A 192 9.02 -11.86 6.09
CA THR A 192 8.51 -13.06 6.75
C THR A 192 8.01 -14.08 5.74
N PRO A 193 8.03 -15.37 6.12
CA PRO A 193 7.40 -16.40 5.28
C PRO A 193 5.90 -16.17 5.17
N ALA A 194 5.36 -16.29 3.96
CA ALA A 194 3.93 -16.08 3.73
C ALA A 194 3.09 -17.08 4.51
#